data_7NNS
#
_entry.id   7NNS
#
_cell.length_a   66.760
_cell.length_b   66.760
_cell.length_c   147.303
_cell.angle_alpha   90.000
_cell.angle_beta   90.000
_cell.angle_gamma   120.000
#
_symmetry.space_group_name_H-M   'P 32 2 1'
#
loop_
_entity.id
_entity.type
_entity.pdbx_description
1 polymer 'Activin receptor type I'
2 non-polymer 1,2-ETHANEDIOL
3 non-polymer Momelotinib
4 non-polymer 'SULFATE ION'
5 water water
#
_entity_poly.entity_id   1
_entity_poly.type   'polypeptide(L)'
_entity_poly.pdbx_seq_one_letter_code
;SMQRTVARDITLLECVGKGRYGEVWRGSWQGENVAVKIFSSRDEKSWFRETELYNTVMLRHENILGFIASDMTSRHSSTQ
LWLITHYHEMGSLYDYLQLTTLDTVSCLRIVLSIASGLAHLHIEIFGTQGKPAIAHRDLKSKNILVKKNGQCCIADLGLA
VMHSQSTNQLDVGNNPRVGTKRYMAPEVLDETIQVDCFDSYKRVDIWAFGLVLWEVARRMVSNGIVEDYKPPFYDVVPND
PSFEDMRKVVCVDQQRPNIPNRWFSDPTLTSLAKLMKECWYQNPSARLTALRIKKTLTKID
;
_entity_poly.pdbx_strand_id   B
#
# COMPACT_ATOMS: atom_id res chain seq x y z
N VAL A 6 0.17 26.02 -6.31
CA VAL A 6 1.45 26.34 -5.66
C VAL A 6 1.24 26.46 -4.16
N ALA A 7 2.32 26.29 -3.39
CA ALA A 7 2.20 26.17 -1.95
C ALA A 7 1.73 27.46 -1.30
N ARG A 8 2.19 28.61 -1.80
CA ARG A 8 1.84 29.89 -1.18
C ARG A 8 0.33 30.15 -1.15
N ASP A 9 -0.45 29.40 -1.92
CA ASP A 9 -1.89 29.59 -1.99
C ASP A 9 -2.65 28.54 -1.17
N ILE A 10 -1.96 27.78 -0.34
CA ILE A 10 -2.55 26.69 0.43
C ILE A 10 -2.47 27.04 1.91
N THR A 11 -3.60 27.00 2.60
CA THR A 11 -3.66 27.28 4.03
C THR A 11 -3.69 25.95 4.78
N LEU A 12 -2.59 25.64 5.46
CA LEU A 12 -2.50 24.42 6.26
C LEU A 12 -3.44 24.54 7.46
N LEU A 13 -4.37 23.60 7.57
CA LEU A 13 -5.45 23.71 8.56
C LEU A 13 -5.33 22.76 9.73
N GLU A 14 -4.85 21.54 9.52
N GLU A 14 -4.82 21.54 9.52
CA GLU A 14 -4.67 20.62 10.64
CA GLU A 14 -4.75 20.55 10.57
C GLU A 14 -3.79 19.46 10.20
C GLU A 14 -3.77 19.46 10.18
N CYS A 15 -2.98 18.98 11.15
CA CYS A 15 -2.05 17.90 10.91
C CYS A 15 -2.73 16.56 11.20
N VAL A 16 -2.84 15.71 10.17
CA VAL A 16 -3.50 14.42 10.29
C VAL A 16 -2.51 13.27 10.34
N GLY A 17 -1.21 13.54 10.29
CA GLY A 17 -0.22 12.50 10.38
C GLY A 17 1.19 13.02 10.61
N LYS A 18 2.00 12.24 11.31
CA LYS A 18 3.39 12.57 11.55
C LYS A 18 4.18 11.29 11.77
N GLY A 19 5.39 11.24 11.25
CA GLY A 19 6.19 10.04 11.39
C GLY A 19 7.60 10.26 10.87
N ARG A 20 8.25 9.14 10.54
CA ARG A 20 9.60 9.20 9.99
C ARG A 20 9.63 9.76 8.57
N TYR A 21 8.51 9.66 7.85
CA TYR A 21 8.42 10.15 6.48
C TYR A 21 8.27 11.66 6.41
N GLY A 22 7.77 12.28 7.48
CA GLY A 22 7.41 13.69 7.46
C GLY A 22 6.07 13.88 8.13
N GLU A 23 5.20 14.73 7.56
CA GLU A 23 3.88 14.94 8.11
C GLU A 23 2.88 15.17 6.98
N VAL A 24 1.61 14.96 7.28
CA VAL A 24 0.53 15.05 6.30
C VAL A 24 -0.50 16.05 6.83
N TRP A 25 -0.88 17.00 6.00
CA TRP A 25 -1.76 18.08 6.41
C TRP A 25 -3.03 18.12 5.57
N ARG A 26 -4.13 18.50 6.21
CA ARG A 26 -5.32 18.96 5.51
C ARG A 26 -5.19 20.46 5.26
N GLY A 27 -5.30 20.87 4.00
CA GLY A 27 -5.16 22.26 3.64
C GLY A 27 -6.32 22.72 2.77
N SER A 28 -6.46 24.03 2.67
CA SER A 28 -7.46 24.65 1.83
C SER A 28 -6.78 25.35 0.66
N TRP A 29 -7.28 25.09 -0.55
CA TRP A 29 -6.82 25.77 -1.77
C TRP A 29 -8.08 26.20 -2.51
N GLN A 30 -8.34 27.51 -2.53
CA GLN A 30 -9.55 28.05 -3.14
C GLN A 30 -10.80 27.54 -2.43
N GLY A 31 -10.71 27.42 -1.11
CA GLY A 31 -11.85 27.08 -0.29
C GLY A 31 -12.25 25.62 -0.25
N GLU A 32 -11.41 24.72 -0.77
CA GLU A 32 -11.73 23.30 -0.78
C GLU A 32 -10.51 22.49 -0.38
N ASN A 33 -10.78 21.32 0.21
CA ASN A 33 -9.76 20.56 0.92
C ASN A 33 -8.74 19.94 -0.03
N VAL A 34 -7.50 19.86 0.43
CA VAL A 34 -6.44 19.15 -0.27
C VAL A 34 -5.51 18.54 0.78
N ALA A 35 -4.75 17.53 0.37
CA ALA A 35 -3.81 16.85 1.24
C ALA A 35 -2.38 17.25 0.87
N VAL A 36 -1.62 17.67 1.87
CA VAL A 36 -0.23 18.10 1.67
C VAL A 36 0.67 17.20 2.51
N LYS A 37 1.53 16.44 1.83
CA LYS A 37 2.59 15.69 2.47
C LYS A 37 3.87 16.48 2.39
N ILE A 38 4.50 16.71 3.54
CA ILE A 38 5.74 17.48 3.64
C ILE A 38 6.83 16.50 4.08
N PHE A 39 7.76 16.21 3.18
CA PHE A 39 8.69 15.13 3.38
C PHE A 39 9.79 15.47 4.38
N SER A 40 10.13 14.50 5.23
CA SER A 40 11.22 14.67 6.17
C SER A 40 12.54 14.82 5.42
N SER A 41 13.50 15.46 6.08
CA SER A 41 14.84 15.58 5.50
C SER A 41 15.40 14.22 5.13
N ARG A 42 15.19 13.22 6.00
CA ARG A 42 15.73 11.89 5.80
C ARG A 42 15.02 11.10 4.70
N ASP A 43 13.96 11.64 4.10
CA ASP A 43 13.20 10.91 3.10
C ASP A 43 13.04 11.73 1.82
N GLU A 44 14.02 12.57 1.51
CA GLU A 44 13.94 13.40 0.31
C GLU A 44 13.83 12.53 -0.94
N LYS A 45 14.55 11.41 -0.98
CA LYS A 45 14.58 10.59 -2.19
C LYS A 45 13.17 10.16 -2.60
N SER A 46 12.30 9.88 -1.61
CA SER A 46 10.95 9.44 -1.92
C SER A 46 10.15 10.53 -2.62
N TRP A 47 10.34 11.79 -2.22
CA TRP A 47 9.69 12.89 -2.92
C TRP A 47 10.15 12.98 -4.36
N PHE A 48 11.45 12.81 -4.59
CA PHE A 48 11.97 12.83 -5.96
C PHE A 48 11.36 11.70 -6.78
N ARG A 49 11.34 10.49 -6.20
CA ARG A 49 10.80 9.34 -6.92
C ARG A 49 9.32 9.53 -7.23
N GLU A 50 8.54 9.97 -6.24
CA GLU A 50 7.10 10.10 -6.46
C GLU A 50 6.78 11.25 -7.41
N THR A 51 7.58 12.31 -7.40
CA THR A 51 7.40 13.38 -8.37
C THR A 51 7.65 12.90 -9.79
N GLU A 52 8.61 11.99 -9.96
CA GLU A 52 8.84 11.42 -11.28
C GLU A 52 7.63 10.65 -11.78
N LEU A 53 7.04 9.82 -10.91
CA LEU A 53 5.89 9.02 -11.32
C LEU A 53 4.69 9.90 -11.66
N TYR A 54 4.37 10.87 -10.80
CA TYR A 54 3.15 11.66 -11.00
C TYR A 54 3.29 12.66 -12.13
N ASN A 55 4.49 13.21 -12.34
CA ASN A 55 4.71 14.25 -13.34
C ASN A 55 5.16 13.70 -14.70
N THR A 56 6.22 12.89 -14.71
CA THR A 56 6.75 12.39 -15.97
C THR A 56 5.91 11.23 -16.51
N VAL A 57 5.78 10.17 -15.72
CA VAL A 57 4.99 9.03 -16.15
C VAL A 57 3.50 9.37 -16.20
N MET A 58 3.07 10.40 -15.46
CA MET A 58 1.69 10.86 -15.49
C MET A 58 0.73 9.78 -14.98
N LEU A 59 1.09 9.20 -13.84
CA LEU A 59 0.32 8.11 -13.26
C LEU A 59 -1.03 8.61 -12.78
N ARG A 60 -2.10 7.96 -13.22
CA ARG A 60 -3.37 8.27 -12.59
C ARG A 60 -4.30 7.06 -12.77
N HIS A 61 -5.17 6.84 -11.80
CA HIS A 61 -6.11 5.73 -11.81
C HIS A 61 -7.02 5.88 -10.59
N GLU A 62 -8.28 5.46 -10.71
CA GLU A 62 -9.22 5.74 -9.62
C GLU A 62 -8.86 5.03 -8.32
N ASN A 63 -7.95 4.06 -8.36
CA ASN A 63 -7.49 3.38 -7.15
C ASN A 63 -6.05 3.74 -6.81
N ILE A 64 -5.55 4.84 -7.36
CA ILE A 64 -4.26 5.42 -7.00
C ILE A 64 -4.51 6.86 -6.60
N LEU A 65 -3.94 7.27 -5.47
CA LEU A 65 -4.21 8.60 -4.91
C LEU A 65 -4.03 9.68 -5.97
N GLY A 66 -5.07 10.51 -6.14
CA GLY A 66 -5.10 11.48 -7.22
C GLY A 66 -4.10 12.60 -7.00
N PHE A 67 -3.18 12.78 -7.94
CA PHE A 67 -2.15 13.80 -7.85
C PHE A 67 -2.70 15.16 -8.28
N ILE A 68 -2.22 16.21 -7.61
CA ILE A 68 -2.54 17.58 -7.99
C ILE A 68 -1.28 18.35 -8.41
N ALA A 69 -0.25 18.36 -7.55
CA ALA A 69 0.93 19.13 -7.92
C ALA A 69 2.09 18.79 -6.99
N SER A 70 3.30 18.94 -7.51
CA SER A 70 4.53 18.97 -6.73
C SER A 70 4.97 20.42 -6.56
N ASP A 71 5.81 20.66 -5.55
CA ASP A 71 6.27 22.02 -5.30
C ASP A 71 7.37 21.99 -4.25
N MET A 72 8.25 22.99 -4.33
CA MET A 72 9.19 23.30 -3.27
C MET A 72 8.85 24.66 -2.67
N THR A 73 8.91 24.77 -1.35
CA THR A 73 8.65 26.03 -0.69
C THR A 73 9.70 26.27 0.38
N SER A 74 10.17 27.51 0.48
CA SER A 74 11.16 27.91 1.45
C SER A 74 10.47 28.55 2.65
N ARG A 75 10.77 28.03 3.84
CA ARG A 75 10.11 28.47 5.06
C ARG A 75 11.04 28.22 6.24
N HIS A 76 11.13 29.19 7.14
CA HIS A 76 11.97 29.06 8.33
C HIS A 76 13.42 28.74 7.95
N SER A 77 13.88 29.33 6.86
CA SER A 77 15.27 29.20 6.40
C SER A 77 15.61 27.77 6.02
N SER A 78 14.61 26.99 5.62
CA SER A 78 14.79 25.69 5.00
C SER A 78 13.89 25.59 3.78
N THR A 79 14.20 24.63 2.91
CA THR A 79 13.40 24.37 1.73
C THR A 79 12.66 23.05 1.89
N GLN A 80 11.35 23.09 1.70
CA GLN A 80 10.48 21.94 1.97
C GLN A 80 9.98 21.37 0.65
N LEU A 81 9.83 20.05 0.60
CA LEU A 81 9.35 19.35 -0.58
C LEU A 81 7.92 18.90 -0.34
N TRP A 82 6.99 19.46 -1.11
CA TRP A 82 5.55 19.23 -0.92
C TRP A 82 5.02 18.31 -2.01
N LEU A 83 4.06 17.46 -1.62
CA LEU A 83 3.29 16.65 -2.57
C LEU A 83 1.81 16.85 -2.25
N ILE A 84 1.07 17.41 -3.21
CA ILE A 84 -0.30 17.86 -2.99
C ILE A 84 -1.24 16.95 -3.78
N THR A 85 -2.27 16.43 -3.11
CA THR A 85 -3.16 15.44 -3.68
C THR A 85 -4.59 15.69 -3.21
N HIS A 86 -5.50 14.87 -3.71
CA HIS A 86 -6.88 14.88 -3.20
C HIS A 86 -6.89 14.58 -1.72
N TYR A 87 -7.93 15.05 -1.04
CA TYR A 87 -8.13 14.79 0.37
C TYR A 87 -9.27 13.80 0.57
N HIS A 88 -9.03 12.81 1.42
CA HIS A 88 -10.03 11.78 1.75
C HIS A 88 -10.26 11.85 3.26
N GLU A 89 -11.43 12.36 3.66
CA GLU A 89 -11.69 12.64 5.06
C GLU A 89 -11.76 11.39 5.93
N MET A 90 -11.88 10.20 5.33
CA MET A 90 -11.98 8.97 6.13
C MET A 90 -10.64 8.45 6.60
N GLY A 91 -9.54 9.04 6.14
CA GLY A 91 -8.22 8.62 6.58
C GLY A 91 -7.74 7.38 5.86
N SER A 92 -6.75 6.73 6.45
CA SER A 92 -6.20 5.51 5.87
C SER A 92 -6.99 4.29 6.35
N LEU A 93 -6.82 3.19 5.60
CA LEU A 93 -7.47 1.94 5.97
C LEU A 93 -7.12 1.53 7.40
N TYR A 94 -5.90 1.84 7.84
CA TYR A 94 -5.50 1.56 9.21
C TYR A 94 -6.40 2.31 10.20
N ASP A 95 -6.69 3.57 9.91
CA ASP A 95 -7.57 4.35 10.79
C ASP A 95 -9.03 3.93 10.64
N TYR A 96 -9.48 3.72 9.40
CA TYR A 96 -10.87 3.40 9.14
C TYR A 96 -11.29 2.10 9.84
N LEU A 97 -10.47 1.05 9.70
CA LEU A 97 -10.84 -0.26 10.24
C LEU A 97 -10.98 -0.25 11.75
N GLN A 98 -10.38 0.72 12.45
CA GLN A 98 -10.48 0.77 13.90
C GLN A 98 -11.76 1.45 14.37
N LEU A 99 -12.55 2.02 13.47
CA LEU A 99 -13.72 2.79 13.83
C LEU A 99 -15.03 2.18 13.34
N THR A 100 -14.98 1.05 12.64
CA THR A 100 -16.19 0.47 12.08
C THR A 100 -15.93 -0.98 11.70
N THR A 101 -16.99 -1.78 11.73
CA THR A 101 -16.97 -3.12 11.15
C THR A 101 -17.53 -3.06 9.74
N LEU A 102 -17.48 -4.19 9.04
CA LEU A 102 -17.85 -4.26 7.64
C LEU A 102 -18.87 -5.37 7.43
N ASP A 103 -19.70 -5.20 6.40
CA ASP A 103 -20.55 -6.27 5.91
C ASP A 103 -19.90 -6.91 4.69
N THR A 104 -20.60 -7.86 4.08
CA THR A 104 -19.98 -8.63 3.00
C THR A 104 -19.65 -7.76 1.79
N VAL A 105 -20.56 -6.86 1.41
CA VAL A 105 -20.34 -6.05 0.22
C VAL A 105 -19.26 -5.00 0.47
N SER A 106 -19.26 -4.41 1.67
N SER A 106 -19.27 -4.40 1.67
CA SER A 106 -18.25 -3.39 1.96
CA SER A 106 -18.26 -3.40 1.99
C SER A 106 -16.85 -4.00 2.06
C SER A 106 -16.87 -4.02 2.01
N CYS A 107 -16.75 -5.24 2.55
CA CYS A 107 -15.45 -5.89 2.64
C CYS A 107 -14.89 -6.20 1.26
N LEU A 108 -15.75 -6.57 0.32
CA LEU A 108 -15.29 -6.98 -1.00
C LEU A 108 -14.90 -5.80 -1.88
N ARG A 109 -15.58 -4.66 -1.75
CA ARG A 109 -15.15 -3.44 -2.43
C ARG A 109 -13.73 -3.07 -2.06
N ILE A 110 -13.45 -3.03 -0.75
CA ILE A 110 -12.12 -2.60 -0.29
C ILE A 110 -11.04 -3.46 -0.92
N VAL A 111 -11.19 -4.79 -0.83
CA VAL A 111 -10.14 -5.68 -1.31
C VAL A 111 -10.14 -5.78 -2.84
N LEU A 112 -11.28 -5.62 -3.49
CA LEU A 112 -11.28 -5.59 -4.95
C LEU A 112 -10.65 -4.32 -5.48
N SER A 113 -10.94 -3.17 -4.85
CA SER A 113 -10.37 -1.92 -5.32
C SER A 113 -8.86 -1.88 -5.11
N ILE A 114 -8.36 -2.48 -4.04
CA ILE A 114 -6.92 -2.52 -3.82
C ILE A 114 -6.25 -3.40 -4.86
N ALA A 115 -6.84 -4.55 -5.17
CA ALA A 115 -6.30 -5.40 -6.22
C ALA A 115 -6.37 -4.70 -7.57
N SER A 116 -7.42 -3.93 -7.81
CA SER A 116 -7.52 -3.17 -9.05
C SER A 116 -6.43 -2.11 -9.14
N GLY A 117 -6.11 -1.46 -8.03
CA GLY A 117 -5.03 -0.49 -8.04
C GLY A 117 -3.68 -1.15 -8.29
N LEU A 118 -3.43 -2.28 -7.63
CA LEU A 118 -2.15 -2.96 -7.77
C LEU A 118 -1.97 -3.50 -9.19
N ALA A 119 -3.03 -4.02 -9.79
CA ALA A 119 -2.93 -4.54 -11.16
C ALA A 119 -2.55 -3.43 -12.13
N HIS A 120 -3.17 -2.25 -12.00
CA HIS A 120 -2.82 -1.13 -12.85
C HIS A 120 -1.32 -0.84 -12.78
N LEU A 121 -0.77 -0.81 -11.57
CA LEU A 121 0.66 -0.56 -11.42
C LEU A 121 1.49 -1.61 -12.13
N HIS A 122 1.17 -2.89 -11.90
CA HIS A 122 2.02 -3.97 -12.38
C HIS A 122 2.00 -4.12 -13.89
N ILE A 123 0.92 -3.75 -14.55
CA ILE A 123 0.70 -4.08 -15.94
C ILE A 123 1.26 -2.97 -16.82
N GLU A 124 2.10 -3.33 -17.78
CA GLU A 124 2.68 -2.36 -18.69
C GLU A 124 1.71 -2.05 -19.83
N ILE A 125 1.60 -0.77 -20.16
CA ILE A 125 0.87 -0.31 -21.33
C ILE A 125 1.89 0.07 -22.39
N PHE A 126 1.86 -0.63 -23.52
CA PHE A 126 2.82 -0.39 -24.58
C PHE A 126 2.37 0.78 -25.46
N GLY A 127 3.22 1.16 -26.41
CA GLY A 127 2.87 2.13 -27.41
C GLY A 127 3.66 3.42 -27.27
N THR A 128 3.14 4.47 -27.91
CA THR A 128 3.77 5.78 -27.97
C THR A 128 4.32 6.22 -26.62
N GLN A 129 3.43 6.48 -25.66
CA GLN A 129 3.81 6.98 -24.34
C GLN A 129 3.23 6.07 -23.26
N GLY A 130 3.41 4.77 -23.43
CA GLY A 130 2.84 3.82 -22.48
C GLY A 130 3.57 3.85 -21.15
N LYS A 131 2.81 3.69 -20.08
CA LYS A 131 3.41 3.61 -18.75
C LYS A 131 4.14 2.28 -18.59
N PRO A 132 5.33 2.26 -17.99
CA PRO A 132 6.01 1.00 -17.73
C PRO A 132 5.29 0.23 -16.63
N ALA A 133 5.76 -0.99 -16.39
CA ALA A 133 5.28 -1.75 -15.24
C ALA A 133 5.91 -1.18 -13.97
N ILE A 134 5.14 -1.18 -12.88
CA ILE A 134 5.56 -0.56 -11.63
C ILE A 134 5.29 -1.51 -10.48
N ALA A 135 6.30 -1.73 -9.64
CA ALA A 135 6.14 -2.40 -8.37
C ALA A 135 6.23 -1.38 -7.25
N HIS A 136 5.35 -1.53 -6.25
CA HIS A 136 5.21 -0.52 -5.21
C HIS A 136 6.29 -0.65 -4.15
N ARG A 137 6.38 -1.82 -3.51
CA ARG A 137 7.45 -2.25 -2.61
C ARG A 137 7.28 -1.83 -1.15
N ASP A 138 6.22 -1.10 -0.79
CA ASP A 138 6.00 -0.77 0.61
C ASP A 138 4.51 -0.67 0.91
N LEU A 139 3.73 -1.60 0.34
CA LEU A 139 2.28 -1.58 0.55
C LEU A 139 1.95 -1.96 1.98
N LYS A 140 0.99 -1.24 2.56
CA LYS A 140 0.54 -1.47 3.94
C LYS A 140 -0.76 -0.71 4.12
N SER A 141 -1.41 -0.96 5.26
CA SER A 141 -2.72 -0.35 5.49
C SER A 141 -2.63 1.15 5.78
N LYS A 142 -1.47 1.65 6.19
CA LYS A 142 -1.36 3.07 6.52
C LYS A 142 -1.20 3.97 5.30
N ASN A 143 -0.83 3.42 4.14
CA ASN A 143 -0.73 4.23 2.93
C ASN A 143 -1.75 3.79 1.88
N ILE A 144 -2.90 3.30 2.34
CA ILE A 144 -4.09 3.10 1.50
C ILE A 144 -5.20 3.97 2.07
N LEU A 145 -5.90 4.69 1.21
CA LEU A 145 -6.89 5.66 1.64
C LEU A 145 -8.29 5.15 1.31
N VAL A 146 -9.26 5.51 2.15
CA VAL A 146 -10.65 5.10 1.97
C VAL A 146 -11.45 6.27 1.43
N LYS A 147 -12.07 6.06 0.27
CA LYS A 147 -12.89 7.09 -0.35
C LYS A 147 -14.34 6.95 0.11
N LYS A 148 -15.12 8.01 -0.13
CA LYS A 148 -16.48 8.07 0.41
C LYS A 148 -17.42 7.07 -0.27
N ASN A 149 -17.04 6.52 -1.42
CA ASN A 149 -17.85 5.49 -2.07
C ASN A 149 -17.48 4.09 -1.65
N GLY A 150 -16.68 3.94 -0.59
CA GLY A 150 -16.29 2.65 -0.08
C GLY A 150 -15.08 2.03 -0.74
N GLN A 151 -14.62 2.56 -1.87
CA GLN A 151 -13.43 2.05 -2.53
C GLN A 151 -12.18 2.73 -1.96
N CYS A 152 -11.03 2.12 -2.22
CA CYS A 152 -9.74 2.57 -1.71
C CYS A 152 -8.84 3.01 -2.85
N CYS A 153 -7.73 3.65 -2.48
CA CYS A 153 -6.70 4.05 -3.43
C CYS A 153 -5.33 3.98 -2.75
N ILE A 154 -4.30 3.72 -3.56
CA ILE A 154 -2.96 3.43 -3.08
C ILE A 154 -2.10 4.69 -3.16
N ALA A 155 -1.28 4.90 -2.13
CA ALA A 155 -0.44 6.08 -2.03
C ALA A 155 0.99 5.67 -1.66
N ASP A 156 1.84 6.69 -1.45
CA ASP A 156 3.17 6.52 -0.90
C ASP A 156 4.06 5.70 -1.83
N LEU A 157 4.34 6.25 -3.00
CA LEU A 157 4.97 5.55 -4.11
C LEU A 157 6.49 5.77 -4.18
N GLY A 158 7.09 6.28 -3.12
CA GLY A 158 8.49 6.71 -3.14
C GLY A 158 9.50 5.60 -3.34
N LEU A 159 9.11 4.34 -3.16
CA LEU A 159 10.03 3.22 -3.27
C LEU A 159 9.85 2.45 -4.57
N ALA A 160 9.03 2.96 -5.49
CA ALA A 160 8.61 2.18 -6.64
C ALA A 160 9.78 1.86 -7.57
N VAL A 161 9.64 0.74 -8.28
CA VAL A 161 10.61 0.29 -9.27
C VAL A 161 9.87 0.04 -10.58
N MET A 162 10.52 0.37 -11.70
CA MET A 162 9.87 0.38 -12.99
C MET A 162 10.60 -0.53 -13.98
N HIS A 163 9.87 -1.01 -14.97
CA HIS A 163 10.42 -1.94 -15.95
C HIS A 163 9.68 -1.82 -17.27
N SER A 164 10.42 -1.96 -18.37
CA SER A 164 9.86 -1.95 -19.72
C SER A 164 10.42 -3.16 -20.47
N GLN A 165 9.54 -4.04 -20.94
CA GLN A 165 10.01 -5.24 -21.62
C GLN A 165 10.50 -4.94 -23.03
N SER A 166 9.97 -3.89 -23.67
CA SER A 166 10.47 -3.50 -24.99
C SER A 166 11.98 -3.30 -24.94
N THR A 167 12.44 -2.41 -24.06
CA THR A 167 13.86 -2.20 -23.84
C THR A 167 14.44 -3.20 -22.86
N ASN A 168 13.63 -3.71 -21.96
CA ASN A 168 14.07 -4.62 -20.91
C ASN A 168 15.26 -3.99 -20.16
N GLN A 169 15.00 -2.82 -19.60
CA GLN A 169 15.86 -2.23 -18.59
C GLN A 169 15.04 -2.06 -17.34
N LEU A 170 15.73 -2.05 -16.20
CA LEU A 170 15.10 -2.00 -14.89
C LEU A 170 15.57 -0.75 -14.15
N ASP A 171 14.61 0.04 -13.66
CA ASP A 171 14.90 1.29 -12.97
C ASP A 171 14.57 1.10 -11.48
N VAL A 172 15.60 0.78 -10.70
CA VAL A 172 15.43 0.66 -9.25
C VAL A 172 15.64 1.98 -8.53
N GLY A 173 16.03 3.03 -9.24
CA GLY A 173 16.21 4.31 -8.58
C GLY A 173 17.45 4.33 -7.70
N ASN A 174 17.41 5.20 -6.67
CA ASN A 174 18.51 5.37 -5.74
C ASN A 174 17.95 5.92 -4.43
N ASN A 175 17.30 5.04 -3.66
CA ASN A 175 16.60 5.45 -2.44
C ASN A 175 17.09 4.59 -1.29
N PRO A 176 17.67 5.19 -0.24
CA PRO A 176 18.15 4.39 0.89
C PRO A 176 17.03 3.88 1.78
N ARG A 177 15.79 4.34 1.57
CA ARG A 177 14.66 3.88 2.36
C ARG A 177 14.50 2.37 2.23
N VAL A 178 14.16 1.72 3.33
CA VAL A 178 13.83 0.30 3.33
C VAL A 178 12.34 0.15 3.66
N GLY A 179 11.78 -0.98 3.24
CA GLY A 179 10.38 -1.23 3.48
C GLY A 179 10.05 -1.33 4.97
N THR A 180 8.78 -1.12 5.27
CA THR A 180 8.29 -1.33 6.63
C THR A 180 8.59 -2.75 7.06
N LYS A 181 9.29 -2.88 8.19
CA LYS A 181 9.79 -4.19 8.59
C LYS A 181 8.67 -5.17 8.89
N ARG A 182 7.58 -4.69 9.49
CA ARG A 182 6.47 -5.58 9.84
C ARG A 182 5.97 -6.36 8.62
N TYR A 183 5.94 -5.72 7.45
CA TYR A 183 5.37 -6.31 6.25
C TYR A 183 6.40 -6.98 5.34
N MET A 184 7.65 -7.10 5.78
CA MET A 184 8.71 -7.57 4.88
C MET A 184 8.53 -9.06 4.53
N ALA A 185 8.76 -9.38 3.25
CA ALA A 185 8.58 -10.73 2.73
C ALA A 185 9.81 -11.60 3.02
N PRO A 186 9.61 -12.91 3.15
CA PRO A 186 10.71 -13.78 3.60
C PRO A 186 11.95 -13.74 2.72
N GLU A 187 11.79 -13.63 1.39
CA GLU A 187 12.99 -13.52 0.56
C GLU A 187 13.74 -12.21 0.79
N VAL A 188 13.07 -11.21 1.33
CA VAL A 188 13.75 -10.00 1.75
C VAL A 188 14.48 -10.21 3.07
N LEU A 189 13.79 -10.82 4.04
CA LEU A 189 14.34 -10.91 5.40
C LEU A 189 15.61 -11.76 5.45
N ASP A 190 15.75 -12.73 4.55
CA ASP A 190 16.94 -13.58 4.56
C ASP A 190 17.81 -13.39 3.30
N GLU A 191 17.52 -12.38 2.49
CA GLU A 191 18.48 -11.86 1.51
C GLU A 191 18.71 -12.82 0.34
N THR A 192 17.66 -13.49 -0.11
CA THR A 192 17.74 -14.32 -1.31
C THR A 192 17.06 -13.70 -2.52
N ILE A 193 16.27 -12.65 -2.32
CA ILE A 193 15.55 -12.04 -3.43
C ILE A 193 16.52 -11.58 -4.51
N GLN A 194 16.17 -11.85 -5.76
CA GLN A 194 17.02 -11.54 -6.91
C GLN A 194 16.73 -10.09 -7.32
N VAL A 195 17.65 -9.19 -6.97
CA VAL A 195 17.42 -7.77 -7.17
C VAL A 195 17.48 -7.34 -8.63
N ASP A 196 17.94 -8.22 -9.53
CA ASP A 196 18.07 -7.88 -10.94
C ASP A 196 16.88 -8.33 -11.77
N CYS A 197 15.91 -9.03 -11.18
CA CYS A 197 14.76 -9.56 -11.89
C CYS A 197 13.51 -8.81 -11.45
N PHE A 198 12.81 -8.20 -12.41
CA PHE A 198 11.70 -7.32 -12.05
C PHE A 198 10.57 -8.08 -11.36
N ASP A 199 10.30 -9.32 -11.80
CA ASP A 199 9.25 -10.11 -11.18
C ASP A 199 9.43 -10.19 -9.67
N SER A 200 10.68 -10.14 -9.19
CA SER A 200 10.95 -10.26 -7.77
C SER A 200 10.20 -9.21 -6.96
N TYR A 201 10.06 -8.01 -7.51
CA TYR A 201 9.42 -6.92 -6.78
C TYR A 201 7.90 -7.02 -6.82
N LYS A 202 7.34 -7.54 -7.92
CA LYS A 202 5.90 -7.78 -7.96
C LYS A 202 5.49 -8.82 -6.90
N ARG A 203 6.28 -9.89 -6.77
CA ARG A 203 5.98 -10.92 -5.79
C ARG A 203 6.10 -10.40 -4.36
N VAL A 204 6.87 -9.32 -4.17
CA VAL A 204 6.92 -8.66 -2.87
C VAL A 204 5.62 -7.91 -2.58
N ASP A 205 5.07 -7.24 -3.59
CA ASP A 205 3.78 -6.57 -3.41
C ASP A 205 2.68 -7.56 -3.06
N ILE A 206 2.74 -8.76 -3.64
CA ILE A 206 1.71 -9.76 -3.40
C ILE A 206 1.72 -10.19 -1.93
N TRP A 207 2.91 -10.52 -1.41
CA TRP A 207 3.03 -10.87 -0.01
C TRP A 207 2.38 -9.82 0.88
N ALA A 208 2.71 -8.54 0.64
CA ALA A 208 2.15 -7.47 1.45
C ALA A 208 0.65 -7.35 1.24
N PHE A 209 0.17 -7.56 0.00
CA PHE A 209 -1.26 -7.51 -0.24
C PHE A 209 -2.00 -8.56 0.59
N GLY A 210 -1.46 -9.78 0.66
CA GLY A 210 -2.08 -10.80 1.47
C GLY A 210 -2.27 -10.37 2.90
N LEU A 211 -1.28 -9.68 3.48
CA LEU A 211 -1.38 -9.23 4.86
C LEU A 211 -2.51 -8.21 5.02
N VAL A 212 -2.60 -7.25 4.09
CA VAL A 212 -3.66 -6.26 4.18
C VAL A 212 -5.03 -6.92 4.01
N LEU A 213 -5.12 -7.93 3.14
CA LEU A 213 -6.36 -8.69 3.00
C LEU A 213 -6.76 -9.31 4.34
N TRP A 214 -5.78 -9.89 5.05
CA TRP A 214 -6.04 -10.44 6.37
C TRP A 214 -6.53 -9.37 7.33
N GLU A 215 -5.92 -8.18 7.29
CA GLU A 215 -6.32 -7.11 8.19
C GLU A 215 -7.79 -6.72 7.98
N VAL A 216 -8.25 -6.72 6.73
CA VAL A 216 -9.60 -6.24 6.44
C VAL A 216 -10.64 -7.32 6.72
N ALA A 217 -10.34 -8.57 6.35
CA ALA A 217 -11.30 -9.65 6.53
C ALA A 217 -11.66 -9.84 8.00
N ARG A 218 -10.72 -9.59 8.91
CA ARG A 218 -11.00 -9.71 10.34
C ARG A 218 -12.14 -8.80 10.78
N ARG A 219 -12.42 -7.74 10.03
CA ARG A 219 -13.42 -6.75 10.41
C ARG A 219 -14.78 -6.98 9.76
N MET A 220 -14.90 -8.00 8.91
CA MET A 220 -16.20 -8.37 8.35
C MET A 220 -16.96 -9.21 9.37
N VAL A 221 -18.24 -8.90 9.55
CA VAL A 221 -19.09 -9.58 10.52
C VAL A 221 -19.78 -10.76 9.84
N SER A 222 -19.82 -11.89 10.53
CA SER A 222 -20.56 -13.06 10.08
C SER A 222 -21.14 -13.79 11.28
N ASN A 223 -22.44 -14.01 11.27
CA ASN A 223 -23.14 -14.69 12.36
C ASN A 223 -22.91 -13.99 13.69
N GLY A 224 -22.84 -12.65 13.64
CA GLY A 224 -22.67 -11.87 14.86
C GLY A 224 -21.29 -11.94 15.49
N ILE A 225 -20.29 -12.43 14.77
CA ILE A 225 -18.94 -12.54 15.27
C ILE A 225 -18.02 -11.68 14.41
N VAL A 226 -17.04 -11.05 15.04
CA VAL A 226 -16.08 -10.20 14.35
C VAL A 226 -14.89 -9.97 15.28
N GLU A 227 -13.70 -9.93 14.69
CA GLU A 227 -12.48 -9.70 15.45
C GLU A 227 -12.17 -8.22 15.57
N ASP A 228 -11.45 -7.87 16.63
CA ASP A 228 -10.91 -6.53 16.76
C ASP A 228 -9.86 -6.29 15.69
N TYR A 229 -9.65 -5.03 15.35
CA TYR A 229 -8.55 -4.75 14.43
C TYR A 229 -7.23 -5.11 15.09
N LYS A 230 -6.35 -5.74 14.32
CA LYS A 230 -4.99 -6.00 14.74
C LYS A 230 -4.09 -5.93 13.52
N PRO A 231 -2.85 -5.46 13.68
CA PRO A 231 -1.90 -5.49 12.58
C PRO A 231 -1.28 -6.87 12.44
N PRO A 232 -0.62 -7.14 11.32
CA PRO A 232 -0.02 -8.46 11.14
C PRO A 232 1.03 -8.75 12.20
N PHE A 233 1.01 -9.99 12.69
CA PHE A 233 2.01 -10.50 13.62
C PHE A 233 1.99 -9.77 14.96
N TYR A 234 0.85 -9.14 15.28
CA TYR A 234 0.72 -8.41 16.54
C TYR A 234 1.04 -9.26 17.75
N ASP A 235 0.90 -10.58 17.65
CA ASP A 235 0.99 -11.44 18.81
C ASP A 235 2.39 -12.00 19.04
N VAL A 236 3.36 -11.76 18.15
CA VAL A 236 4.65 -12.42 18.27
C VAL A 236 5.81 -11.44 18.13
N VAL A 237 5.52 -10.20 17.74
CA VAL A 237 6.58 -9.18 17.67
C VAL A 237 6.11 -7.94 18.40
N PRO A 238 7.04 -7.11 18.86
CA PRO A 238 6.68 -5.86 19.54
C PRO A 238 6.44 -4.74 18.53
N ASN A 239 6.06 -3.58 19.06
CA ASN A 239 5.92 -2.39 18.23
C ASN A 239 7.27 -1.96 17.66
N ASP A 240 7.24 -1.43 16.45
CA ASP A 240 8.45 -1.05 15.73
C ASP A 240 9.44 -2.22 15.74
N PRO A 241 9.04 -3.37 15.20
CA PRO A 241 9.89 -4.57 15.32
C PRO A 241 11.15 -4.45 14.49
N SER A 242 12.16 -5.20 14.90
CA SER A 242 13.47 -5.17 14.26
C SER A 242 13.55 -6.18 13.14
N PHE A 243 14.53 -5.97 12.26
CA PHE A 243 14.84 -6.96 11.22
C PHE A 243 14.94 -8.36 11.80
N GLU A 244 15.63 -8.49 12.93
CA GLU A 244 15.85 -9.81 13.53
C GLU A 244 14.53 -10.40 14.06
N ASP A 245 13.69 -9.57 14.69
CA ASP A 245 12.40 -10.03 15.15
C ASP A 245 11.61 -10.65 14.00
N MET A 246 11.43 -9.89 12.92
CA MET A 246 10.65 -10.36 11.78
C MET A 246 11.19 -11.70 11.27
N ARG A 247 12.51 -11.80 11.11
CA ARG A 247 13.07 -13.02 10.54
C ARG A 247 12.79 -14.23 11.43
N LYS A 248 12.87 -14.05 12.76
CA LYS A 248 12.58 -15.16 13.66
C LYS A 248 11.18 -15.69 13.43
N VAL A 249 10.22 -14.82 13.14
CA VAL A 249 8.83 -15.25 13.01
C VAL A 249 8.55 -15.74 11.60
N VAL A 250 8.99 -14.98 10.60
CA VAL A 250 8.57 -15.25 9.22
C VAL A 250 9.42 -16.32 8.54
N CYS A 251 10.70 -16.43 8.90
CA CYS A 251 11.63 -17.36 8.26
C CYS A 251 11.94 -18.57 9.14
N VAL A 252 12.37 -18.33 10.37
CA VAL A 252 12.81 -19.43 11.23
C VAL A 252 11.63 -20.30 11.62
N ASP A 253 10.55 -19.69 12.08
CA ASP A 253 9.37 -20.43 12.52
C ASP A 253 8.32 -20.57 11.44
N GLN A 254 8.50 -19.93 10.29
CA GLN A 254 7.59 -20.07 9.15
C GLN A 254 6.15 -19.79 9.56
N GLN A 255 5.95 -18.75 10.36
CA GLN A 255 4.63 -18.41 10.88
C GLN A 255 3.91 -17.47 9.93
N ARG A 256 2.59 -17.54 9.96
CA ARG A 256 1.70 -16.71 9.16
C ARG A 256 0.53 -16.27 10.01
N PRO A 257 -0.16 -15.20 9.61
CA PRO A 257 -1.34 -14.76 10.35
C PRO A 257 -2.36 -15.88 10.46
N ASN A 258 -2.86 -16.10 11.68
CA ASN A 258 -3.78 -17.20 11.94
C ASN A 258 -5.15 -16.94 11.33
N ILE A 259 -5.78 -18.01 10.85
CA ILE A 259 -7.13 -17.93 10.30
C ILE A 259 -8.11 -18.21 11.43
N PRO A 260 -8.99 -17.27 11.79
CA PRO A 260 -9.95 -17.53 12.86
C PRO A 260 -10.95 -18.60 12.46
N ASN A 261 -11.28 -19.47 13.42
CA ASN A 261 -12.11 -20.63 13.12
C ASN A 261 -13.49 -20.21 12.62
N ARG A 262 -14.04 -19.12 13.17
CA ARG A 262 -15.36 -18.67 12.74
C ARG A 262 -15.39 -18.35 11.24
N TRP A 263 -14.23 -18.10 10.63
CA TRP A 263 -14.20 -17.88 9.19
C TRP A 263 -14.71 -19.09 8.42
N PHE A 264 -14.57 -20.29 8.99
CA PHE A 264 -14.93 -21.53 8.30
C PHE A 264 -16.43 -21.82 8.30
N SER A 265 -17.23 -20.98 8.95
CA SER A 265 -18.68 -21.09 8.88
C SER A 265 -19.29 -19.96 8.05
N ASP A 266 -18.51 -19.35 7.16
CA ASP A 266 -18.95 -18.34 6.22
C ASP A 266 -18.30 -18.61 4.87
N PRO A 267 -19.07 -18.52 3.77
CA PRO A 267 -18.50 -18.85 2.45
C PRO A 267 -17.56 -17.78 1.89
N THR A 268 -17.83 -16.50 2.15
CA THR A 268 -16.94 -15.46 1.64
C THR A 268 -15.59 -15.49 2.36
N LEU A 269 -15.62 -15.53 3.70
CA LEU A 269 -14.38 -15.53 4.45
C LEU A 269 -13.54 -16.76 4.16
N THR A 270 -14.19 -17.90 3.90
CA THR A 270 -13.44 -19.11 3.59
C THR A 270 -12.73 -18.99 2.24
N SER A 271 -13.40 -18.41 1.25
CA SER A 271 -12.75 -18.20 -0.04
C SER A 271 -11.65 -17.15 0.04
N LEU A 272 -11.80 -16.17 0.94
CA LEU A 272 -10.74 -15.18 1.12
C LEU A 272 -9.55 -15.77 1.88
N ALA A 273 -9.80 -16.71 2.79
CA ALA A 273 -8.71 -17.33 3.53
C ALA A 273 -7.79 -18.11 2.58
N LYS A 274 -8.37 -18.86 1.65
CA LYS A 274 -7.55 -19.59 0.69
C LYS A 274 -6.73 -18.65 -0.17
N LEU A 275 -7.29 -17.48 -0.50
CA LEU A 275 -6.59 -16.51 -1.33
C LEU A 275 -5.38 -15.92 -0.60
N MET A 276 -5.56 -15.55 0.67
CA MET A 276 -4.46 -15.10 1.51
C MET A 276 -3.30 -16.07 1.47
N LYS A 277 -3.58 -17.33 1.82
CA LYS A 277 -2.52 -18.33 1.92
C LYS A 277 -1.74 -18.47 0.61
N GLU A 278 -2.41 -18.25 -0.52
CA GLU A 278 -1.74 -18.31 -1.81
C GLU A 278 -0.94 -17.04 -2.11
N CYS A 279 -1.02 -16.04 -1.24
CA CYS A 279 -0.13 -14.89 -1.30
C CYS A 279 1.07 -15.04 -0.38
N TRP A 280 1.10 -16.09 0.44
CA TRP A 280 2.04 -16.19 1.55
C TRP A 280 3.06 -17.31 1.41
N TYR A 281 3.17 -17.93 0.23
CA TYR A 281 4.14 -19.01 0.06
C TYR A 281 5.55 -18.50 0.33
N GLN A 282 6.37 -19.34 0.98
CA GLN A 282 7.78 -19.00 1.13
C GLN A 282 8.46 -18.95 -0.23
N ASN A 283 8.13 -19.87 -1.12
CA ASN A 283 8.62 -19.83 -2.49
C ASN A 283 7.95 -18.69 -3.23
N PRO A 284 8.66 -17.60 -3.55
CA PRO A 284 7.98 -16.43 -4.12
C PRO A 284 7.29 -16.69 -5.45
N SER A 285 7.84 -17.58 -6.28
CA SER A 285 7.28 -17.81 -7.61
C SER A 285 5.99 -18.62 -7.58
N ALA A 286 5.58 -19.12 -6.41
CA ALA A 286 4.32 -19.86 -6.28
C ALA A 286 3.14 -18.95 -5.97
N ARG A 287 3.38 -17.66 -5.75
CA ARG A 287 2.31 -16.74 -5.40
C ARG A 287 1.49 -16.36 -6.62
N LEU A 288 0.23 -16.02 -6.38
CA LEU A 288 -0.64 -15.55 -7.44
C LEU A 288 -0.18 -14.18 -7.96
N THR A 289 -0.61 -13.85 -9.16
CA THR A 289 -0.36 -12.54 -9.73
C THR A 289 -1.48 -11.58 -9.36
N ALA A 290 -1.20 -10.29 -9.51
CA ALA A 290 -2.20 -9.28 -9.19
C ALA A 290 -3.45 -9.44 -10.06
N LEU A 291 -3.26 -9.75 -11.34
CA LEU A 291 -4.40 -9.96 -12.22
C LEU A 291 -5.22 -11.17 -11.79
N ARG A 292 -4.54 -12.28 -11.49
CA ARG A 292 -5.22 -13.46 -10.98
C ARG A 292 -6.06 -13.11 -9.74
N ILE A 293 -5.47 -12.38 -8.81
CA ILE A 293 -6.19 -11.99 -7.59
C ILE A 293 -7.42 -11.17 -7.95
N LYS A 294 -7.24 -10.16 -8.82
CA LYS A 294 -8.37 -9.33 -9.23
C LYS A 294 -9.49 -10.16 -9.82
N LYS A 295 -9.15 -11.13 -10.68
CA LYS A 295 -10.17 -11.96 -11.30
C LYS A 295 -10.92 -12.78 -10.25
N THR A 296 -10.18 -13.42 -9.35
CA THR A 296 -10.82 -14.26 -8.33
C THR A 296 -11.74 -13.44 -7.44
N LEU A 297 -11.29 -12.26 -7.01
CA LEU A 297 -12.13 -11.41 -6.16
C LEU A 297 -13.38 -10.93 -6.89
N THR A 298 -13.36 -10.86 -8.22
CA THR A 298 -14.53 -10.42 -8.95
C THR A 298 -15.62 -11.48 -8.98
N LYS A 299 -15.23 -12.76 -8.88
CA LYS A 299 -16.18 -13.87 -8.92
C LYS A 299 -16.61 -14.35 -7.54
N ILE A 300 -15.94 -13.90 -6.48
CA ILE A 300 -16.36 -14.25 -5.12
C ILE A 300 -17.52 -13.36 -4.73
N ASP A 301 -18.48 -13.92 -3.98
CA ASP A 301 -19.64 -13.16 -3.54
C ASP A 301 -20.20 -13.73 -2.25
#